data_5VP5
#
_entry.id   5VP5
#
_cell.length_a   101.580
_cell.length_b   60.610
_cell.length_c   76.270
_cell.angle_alpha   90.000
_cell.angle_beta   126.690
_cell.angle_gamma   90.000
#
_symmetry.space_group_name_H-M   'C 1 2 1'
#
loop_
_entity.id
_entity.type
_entity.pdbx_description
1 polymer '3-oxoacyl-acyl-carrier protein reductase FabG4'
2 non-polymer NICOTINAMIDE-ADENINE-DINUCLEOTIDE
3 non-polymer 'CHLORIDE ION'
4 water water
#
_entity_poly.entity_id   1
_entity_poly.type   'polypeptide(L)'
_entity_poly.pdbx_seq_one_letter_code
;MAHHHHHHMGTLEAQTQGPGSMVASDLFSQVVNSGPGSFLAKQLGVPQPETLRRYRPGDPPLAGSLLIGGSGRVAEPLRT
ALADDYNLVSNNIGGRWADSFGGVVFDATGITEAEGLKELYTFFTPLLRNLAPCARVVVVGTTPAEAGSVHAQVVQRALE
GFTRSLGKELRRGATVSLVYLSADAKPGATGLESTMRFILSAKSAYVDGQVFRVGAADSTPPADWDKPLDGKVAVVTGAA
RGIGATIAEVFARDGATVVAIDVDGAAEDLKRVADKVGGTALTLDVTADDAVDKITAHVTEHHGGKVDILVNNAGITRDK
LLANMDEKRWDAVIAVNLLAPQRLTEGLVGNGTIGEGGRVIGLSSMAGIAGNRGQTNYATTKAGMIGLAEALAPVLADKG
ITINAVAPGFIETKMTEAIPLATREVGRRLNSLFQGGQPVDVAELIAYFASPASNAVTGNTIRVCGQAMLGA
;
_entity_poly.pdbx_strand_id   A
#
loop_
_chem_comp.id
_chem_comp.type
_chem_comp.name
_chem_comp.formula
CL non-polymer 'CHLORIDE ION' 'Cl -1'
NAD non-polymer NICOTINAMIDE-ADENINE-DINUCLEOTIDE 'C21 H27 N7 O14 P2'
#
# COMPACT_ATOMS: atom_id res chain seq x y z
N GLN A 48 22.78 12.20 9.34
CA GLN A 48 22.52 12.53 7.93
C GLN A 48 21.41 11.67 7.36
N PRO A 49 20.52 12.28 6.56
CA PRO A 49 19.43 11.51 5.95
C PRO A 49 19.96 10.58 4.86
N GLU A 50 19.52 9.33 4.90
CA GLU A 50 19.95 8.34 3.92
C GLU A 50 19.32 8.60 2.56
N THR A 51 20.12 8.51 1.51
CA THR A 51 19.57 8.50 0.15
C THR A 51 18.96 7.14 -0.07
N LEU A 52 17.64 7.07 -0.20
CA LEU A 52 16.96 5.78 -0.22
C LEU A 52 17.05 5.15 -1.59
N ARG A 53 17.25 3.83 -1.64
CA ARG A 53 17.15 3.12 -2.90
C ARG A 53 15.69 2.95 -3.27
N ARG A 54 15.37 3.20 -4.52
CA ARG A 54 14.03 3.05 -5.04
C ARG A 54 14.07 2.09 -6.22
N TYR A 55 12.90 1.69 -6.69
CA TYR A 55 12.81 0.60 -7.65
C TYR A 55 13.24 1.04 -9.03
N ARG A 56 13.99 0.18 -9.70
CA ARG A 56 14.21 0.28 -11.13
CA ARG A 56 14.25 0.29 -11.13
C ARG A 56 14.26 -1.12 -11.71
N PRO A 57 13.68 -1.31 -12.89
CA PRO A 57 13.70 -2.64 -13.52
C PRO A 57 15.11 -3.22 -13.59
N GLY A 58 15.23 -4.50 -13.27
CA GLY A 58 16.49 -5.20 -13.35
C GLY A 58 17.34 -5.14 -12.09
N ASP A 59 17.07 -4.20 -11.19
CA ASP A 59 17.79 -4.17 -9.92
C ASP A 59 17.20 -5.25 -9.00
N PRO A 60 18.03 -6.09 -8.38
CA PRO A 60 17.49 -7.13 -7.52
C PRO A 60 16.59 -6.53 -6.46
N PRO A 61 15.61 -7.30 -5.97
CA PRO A 61 14.67 -6.73 -4.99
C PRO A 61 15.33 -6.20 -3.74
N LEU A 62 16.31 -6.91 -3.19
CA LEU A 62 16.97 -6.51 -1.95
C LEU A 62 18.44 -6.18 -2.19
N ALA A 63 18.96 -5.30 -1.33
CA ALA A 63 20.38 -4.95 -1.37
C ALA A 63 21.15 -5.85 -0.41
N GLY A 64 21.03 -7.15 -0.64
CA GLY A 64 21.67 -8.14 0.21
C GLY A 64 20.86 -9.41 0.22
N SER A 65 21.19 -10.28 1.17
CA SER A 65 20.56 -11.57 1.30
C SER A 65 19.23 -11.45 2.06
N LEU A 66 18.45 -12.53 1.99
CA LEU A 66 17.18 -12.63 2.70
C LEU A 66 17.25 -13.81 3.67
N LEU A 67 17.08 -13.53 4.95
CA LEU A 67 17.03 -14.59 5.97
C LEU A 67 15.60 -14.68 6.48
N ILE A 68 15.02 -15.87 6.43
CA ILE A 68 13.67 -16.11 6.93
C ILE A 68 13.77 -17.11 8.07
N GLY A 69 13.19 -16.76 9.22
CA GLY A 69 13.22 -17.64 10.38
C GLY A 69 11.95 -17.61 11.20
N GLY A 70 11.98 -18.25 12.36
CA GLY A 70 10.81 -18.38 13.20
C GLY A 70 10.15 -19.74 13.04
N SER A 71 9.40 -20.15 14.06
CA SER A 71 8.88 -21.51 14.02
C SER A 71 7.37 -21.56 13.88
N GLY A 72 6.82 -20.80 12.94
CA GLY A 72 5.40 -20.81 12.69
C GLY A 72 5.03 -21.49 11.38
N ARG A 73 3.83 -21.15 10.88
CA ARG A 73 3.25 -21.80 9.72
C ARG A 73 3.59 -21.10 8.41
N VAL A 74 4.36 -20.01 8.41
CA VAL A 74 4.64 -19.24 7.21
CA VAL A 74 4.64 -19.31 7.16
C VAL A 74 6.10 -19.36 6.76
N ALA A 75 7.04 -19.62 7.67
CA ALA A 75 8.46 -19.60 7.32
C ALA A 75 8.79 -20.51 6.14
N GLU A 76 8.37 -21.78 6.21
CA GLU A 76 8.77 -22.71 5.15
C GLU A 76 8.10 -22.41 3.82
N PRO A 77 6.78 -22.21 3.73
CA PRO A 77 6.20 -21.86 2.43
C PRO A 77 6.70 -20.54 1.89
N LEU A 78 7.07 -19.59 2.74
CA LEU A 78 7.65 -18.36 2.24
C LEU A 78 9.05 -18.59 1.68
N ARG A 79 9.89 -19.38 2.35
CA ARG A 79 11.19 -19.73 1.77
C ARG A 79 11.02 -20.38 0.41
N THR A 80 10.04 -21.28 0.30
CA THR A 80 9.81 -21.98 -0.97
C THR A 80 9.41 -21.00 -2.07
N ALA A 81 8.54 -20.03 -1.74
CA ALA A 81 8.00 -19.11 -2.73
C ALA A 81 9.03 -18.08 -3.19
N LEU A 82 9.97 -17.71 -2.34
CA LEU A 82 10.87 -16.61 -2.64
C LEU A 82 12.27 -17.06 -3.04
N ALA A 83 12.53 -18.37 -3.06
CA ALA A 83 13.89 -18.87 -3.22
C ALA A 83 14.50 -18.50 -4.57
N ASP A 84 13.68 -18.49 -5.62
CA ASP A 84 14.24 -18.27 -6.95
C ASP A 84 14.60 -16.80 -7.18
N ASP A 85 13.79 -15.87 -6.70
CA ASP A 85 14.00 -14.45 -6.97
C ASP A 85 14.83 -13.74 -5.93
N TYR A 86 15.04 -14.34 -4.76
CA TYR A 86 15.83 -13.75 -3.69
C TYR A 86 17.03 -14.63 -3.41
N ASN A 87 18.02 -14.08 -2.71
CA ASN A 87 19.21 -14.83 -2.34
CA ASN A 87 19.22 -14.81 -2.33
C ASN A 87 19.03 -15.25 -0.89
N LEU A 88 18.38 -16.41 -0.70
CA LEU A 88 18.05 -16.87 0.63
C LEU A 88 19.28 -17.43 1.35
N VAL A 89 19.42 -17.08 2.61
CA VAL A 89 20.47 -17.67 3.45
C VAL A 89 19.85 -18.22 4.72
N SER A 90 20.47 -19.25 5.27
CA SER A 90 19.99 -19.82 6.52
C SER A 90 20.68 -19.16 7.71
N ASN A 91 19.98 -19.17 8.83
CA ASN A 91 20.57 -18.76 10.10
C ASN A 91 21.63 -19.78 10.51
N ASN A 92 22.59 -19.32 11.33
CA ASN A 92 23.58 -20.24 11.86
C ASN A 92 24.09 -19.72 13.19
N ILE A 93 24.44 -20.65 14.08
CA ILE A 93 24.82 -20.28 15.44
C ILE A 93 26.14 -19.53 15.46
N GLY A 94 26.98 -19.68 14.43
CA GLY A 94 28.24 -18.97 14.38
C GLY A 94 28.11 -17.50 14.03
N GLY A 95 26.96 -17.08 13.52
CA GLY A 95 26.79 -15.69 13.15
C GLY A 95 27.69 -15.26 12.02
N ARG A 96 27.88 -16.12 11.03
CA ARG A 96 28.71 -15.84 9.87
C ARG A 96 27.84 -15.81 8.62
N TRP A 97 27.89 -14.69 7.89
CA TRP A 97 27.20 -14.57 6.62
C TRP A 97 28.06 -13.74 5.67
N ALA A 98 28.24 -14.24 4.44
CA ALA A 98 29.14 -13.56 3.51
C ALA A 98 28.63 -12.17 3.15
N ASP A 99 27.32 -11.98 3.10
CA ASP A 99 26.73 -10.72 2.67
CA ASP A 99 26.75 -10.71 2.69
C ASP A 99 25.92 -10.12 3.82
N SER A 100 25.73 -8.80 3.75
CA SER A 100 24.79 -8.12 4.62
C SER A 100 23.36 -8.57 4.30
N PHE A 101 22.48 -8.53 5.31
CA PHE A 101 21.06 -8.84 5.09
C PHE A 101 20.37 -7.68 4.38
N GLY A 102 19.81 -7.95 3.20
CA GLY A 102 18.85 -7.04 2.61
C GLY A 102 17.46 -7.17 3.20
N GLY A 103 17.15 -8.35 3.74
CA GLY A 103 15.86 -8.58 4.37
C GLY A 103 15.96 -9.62 5.46
N VAL A 104 15.21 -9.42 6.56
CA VAL A 104 15.10 -10.39 7.63
C VAL A 104 13.63 -10.54 7.95
N VAL A 105 13.09 -11.76 7.86
CA VAL A 105 11.70 -12.03 8.15
C VAL A 105 11.61 -13.01 9.31
N PHE A 106 10.85 -12.65 10.34
CA PHE A 106 10.58 -13.52 11.48
C PHE A 106 9.12 -13.95 11.45
N ASP A 107 8.90 -15.25 11.41
CA ASP A 107 7.56 -15.83 11.45
C ASP A 107 7.19 -16.03 12.91
N ALA A 108 6.32 -15.16 13.43
CA ALA A 108 5.84 -15.19 14.81
C ALA A 108 4.50 -15.90 14.95
N THR A 109 3.97 -16.50 13.87
CA THR A 109 2.63 -17.10 13.94
C THR A 109 2.54 -18.27 14.92
N GLY A 110 3.67 -18.85 15.32
CA GLY A 110 3.64 -19.93 16.28
C GLY A 110 3.70 -19.53 17.74
N ILE A 111 3.86 -18.24 18.02
CA ILE A 111 3.97 -17.79 19.41
C ILE A 111 2.56 -17.63 19.97
N THR A 112 2.29 -18.32 21.09
CA THR A 112 0.97 -18.34 21.69
C THR A 112 0.97 -17.91 23.15
N GLU A 113 2.13 -17.71 23.75
CA GLU A 113 2.26 -17.42 25.17
C GLU A 113 3.27 -16.29 25.34
N ALA A 114 3.05 -15.45 26.36
CA ALA A 114 3.95 -14.32 26.55
C ALA A 114 5.39 -14.76 26.79
N GLU A 115 5.59 -15.92 27.43
CA GLU A 115 6.94 -16.47 27.54
C GLU A 115 7.58 -16.71 26.18
N GLY A 116 6.77 -17.00 25.16
CA GLY A 116 7.26 -17.23 23.82
C GLY A 116 7.69 -15.98 23.07
N LEU A 117 7.33 -14.81 23.58
CA LEU A 117 7.77 -13.57 22.93
C LEU A 117 9.27 -13.41 22.98
N LYS A 118 9.94 -14.12 23.89
CA LYS A 118 11.39 -14.09 23.96
C LYS A 118 12.03 -14.57 22.66
N GLU A 119 11.30 -15.33 21.85
CA GLU A 119 11.84 -15.72 20.55
C GLU A 119 12.12 -14.51 19.67
N LEU A 120 11.34 -13.43 19.81
CA LEU A 120 11.68 -12.19 19.10
C LEU A 120 13.07 -11.70 19.48
N TYR A 121 13.35 -11.70 20.78
CA TYR A 121 14.65 -11.26 21.28
C TYR A 121 15.77 -12.16 20.78
N THR A 122 15.62 -13.49 20.96
CA THR A 122 16.73 -14.38 20.63
C THR A 122 16.97 -14.46 19.14
N PHE A 123 15.92 -14.30 18.33
CA PHE A 123 16.09 -14.32 16.89
C PHE A 123 16.78 -13.05 16.39
N PHE A 124 16.30 -11.89 16.85
CA PHE A 124 16.74 -10.65 16.22
C PHE A 124 18.06 -10.10 16.78
N THR A 125 18.35 -10.28 18.07
CA THR A 125 19.53 -9.64 18.63
CA THR A 125 19.53 -9.63 18.62
C THR A 125 20.82 -10.00 17.91
N PRO A 126 21.08 -11.27 17.52
CA PRO A 126 22.34 -11.55 16.81
C PRO A 126 22.36 -11.08 15.36
N LEU A 127 21.22 -10.68 14.81
CA LEU A 127 21.14 -10.40 13.38
C LEU A 127 21.20 -8.92 13.03
N LEU A 128 20.95 -8.02 14.00
CA LEU A 128 20.74 -6.61 13.65
C LEU A 128 22.00 -5.96 13.12
N ARG A 129 23.18 -6.34 13.62
CA ARG A 129 24.38 -5.67 13.13
C ARG A 129 24.75 -6.03 11.70
N ASN A 130 24.13 -7.07 11.11
CA ASN A 130 24.44 -7.44 9.73
C ASN A 130 23.44 -6.86 8.73
N LEU A 131 22.54 -5.98 9.16
CA LEU A 131 21.60 -5.36 8.23
C LEU A 131 22.32 -4.36 7.33
N ALA A 132 22.00 -4.43 6.04
CA ALA A 132 22.49 -3.45 5.08
C ALA A 132 21.72 -2.15 5.21
N PRO A 133 22.27 -1.05 4.68
CA PRO A 133 21.45 0.15 4.48
C PRO A 133 20.21 -0.17 3.66
N CYS A 134 19.11 0.47 4.02
CA CYS A 134 17.81 0.27 3.37
C CYS A 134 17.34 -1.19 3.45
N ALA A 135 17.72 -1.91 4.49
CA ALA A 135 17.24 -3.28 4.66
C ALA A 135 15.77 -3.28 5.04
N ARG A 136 15.17 -4.47 4.97
CA ARG A 136 13.76 -4.66 5.30
C ARG A 136 13.66 -5.68 6.43
N VAL A 137 13.07 -5.28 7.56
CA VAL A 137 12.79 -6.18 8.66
C VAL A 137 11.28 -6.38 8.70
N VAL A 138 10.84 -7.64 8.72
CA VAL A 138 9.41 -7.96 8.70
C VAL A 138 9.12 -8.99 9.79
N VAL A 139 8.05 -8.75 10.55
CA VAL A 139 7.50 -9.78 11.45
C VAL A 139 6.16 -10.20 10.87
N VAL A 140 5.94 -11.50 10.75
CA VAL A 140 4.66 -12.02 10.28
C VAL A 140 3.97 -12.68 11.47
N GLY A 141 2.74 -12.24 11.75
CA GLY A 141 1.93 -12.82 12.81
C GLY A 141 0.58 -13.25 12.30
N THR A 142 -0.23 -13.72 13.23
CA THR A 142 -1.61 -14.13 12.97
C THR A 142 -2.53 -13.01 13.42
N THR A 143 -3.50 -12.64 12.56
CA THR A 143 -4.57 -11.70 12.89
C THR A 143 -4.99 -11.92 14.34
N PRO A 144 -4.81 -10.92 15.23
CA PRO A 144 -4.91 -11.22 16.66
C PRO A 144 -6.23 -11.82 17.08
N ALA A 145 -7.35 -11.30 16.56
CA ALA A 145 -8.65 -11.84 16.95
C ALA A 145 -8.86 -13.27 16.47
N GLU A 146 -8.05 -13.77 15.53
CA GLU A 146 -8.14 -15.13 15.01
C GLU A 146 -7.11 -16.08 15.62
N ALA A 147 -6.33 -15.63 16.59
CA ALA A 147 -5.16 -16.40 17.03
C ALA A 147 -5.52 -17.63 17.86
N GLY A 148 -6.76 -17.74 18.35
CA GLY A 148 -7.30 -19.01 18.81
C GLY A 148 -7.43 -19.17 20.30
N SER A 149 -6.79 -18.32 21.09
CA SER A 149 -6.92 -18.33 22.54
C SER A 149 -6.66 -16.93 23.04
N VAL A 150 -7.10 -16.66 24.27
CA VAL A 150 -6.83 -15.36 24.89
C VAL A 150 -5.34 -15.08 24.91
N HIS A 151 -4.55 -16.04 25.42
CA HIS A 151 -3.11 -15.83 25.50
C HIS A 151 -2.51 -15.57 24.12
N ALA A 152 -2.96 -16.30 23.09
CA ALA A 152 -2.38 -16.11 21.77
C ALA A 152 -2.78 -14.76 21.18
N GLN A 153 -4.04 -14.34 21.39
CA GLN A 153 -4.42 -13.02 20.89
C GLN A 153 -3.60 -11.92 21.55
N VAL A 154 -3.32 -12.06 22.84
CA VAL A 154 -2.50 -11.07 23.55
C VAL A 154 -1.12 -10.95 22.91
N VAL A 155 -0.46 -12.09 22.66
CA VAL A 155 0.92 -11.98 22.15
C VAL A 155 0.93 -11.50 20.69
N GLN A 156 -0.04 -11.90 19.88
CA GLN A 156 -0.04 -11.44 18.51
C GLN A 156 -0.33 -9.95 18.41
N ARG A 157 -1.20 -9.44 19.30
CA ARG A 157 -1.44 -8.01 19.37
C ARG A 157 -0.19 -7.27 19.84
N ALA A 158 0.55 -7.85 20.78
CA ALA A 158 1.75 -7.22 21.32
C ALA A 158 2.83 -7.01 20.26
N LEU A 159 2.78 -7.76 19.15
CA LEU A 159 3.84 -7.66 18.15
C LEU A 159 3.96 -6.26 17.58
N GLU A 160 2.88 -5.49 17.59
CA GLU A 160 2.93 -4.15 17.02
C GLU A 160 3.74 -3.20 17.89
N GLY A 161 3.75 -3.39 19.22
CA GLY A 161 4.64 -2.59 20.04
C GLY A 161 6.09 -2.88 19.73
N PHE A 162 6.40 -4.15 19.50
CA PHE A 162 7.75 -4.56 19.14
C PHE A 162 8.18 -3.96 17.81
N THR A 163 7.36 -4.11 16.78
CA THR A 163 7.82 -3.68 15.46
C THR A 163 7.95 -2.16 15.39
N ARG A 164 6.98 -1.42 15.95
CA ARG A 164 7.08 0.03 15.86
C ARG A 164 8.30 0.54 16.63
N SER A 165 8.65 -0.12 17.73
CA SER A 165 9.84 0.30 18.47
C SER A 165 11.11 -0.05 17.70
N LEU A 166 11.17 -1.26 17.14
CA LEU A 166 12.35 -1.64 16.38
C LEU A 166 12.59 -0.70 15.21
N GLY A 167 11.51 -0.25 14.56
CA GLY A 167 11.67 0.68 13.46
C GLY A 167 12.38 1.94 13.86
N LYS A 168 12.18 2.39 15.10
CA LYS A 168 12.83 3.60 15.59
C LYS A 168 14.27 3.35 16.02
N GLU A 169 14.76 2.12 15.92
CA GLU A 169 16.15 1.77 16.19
C GLU A 169 16.95 1.44 14.94
N LEU A 170 16.30 1.08 13.84
CA LEU A 170 17.04 0.73 12.63
C LEU A 170 17.72 1.96 12.07
N ARG A 171 18.82 1.74 11.33
CA ARG A 171 19.57 2.87 10.83
C ARG A 171 19.70 2.80 9.31
N ARG A 172 20.14 3.93 8.75
CA ARG A 172 20.51 4.04 7.33
C ARG A 172 19.42 3.52 6.40
N GLY A 173 18.20 4.01 6.62
CA GLY A 173 17.11 3.78 5.69
C GLY A 173 16.41 2.46 5.80
N ALA A 174 16.83 1.58 6.71
CA ALA A 174 16.13 0.32 6.91
C ALA A 174 14.75 0.57 7.51
N THR A 175 13.80 -0.29 7.16
CA THR A 175 12.43 -0.16 7.60
C THR A 175 11.97 -1.44 8.30
N VAL A 176 10.88 -1.31 9.07
CA VAL A 176 10.23 -2.41 9.74
C VAL A 176 8.78 -2.48 9.27
N SER A 177 8.24 -3.70 9.24
CA SER A 177 6.86 -3.94 8.85
C SER A 177 6.30 -5.07 9.69
N LEU A 178 5.01 -4.98 10.00
CA LEU A 178 4.26 -6.06 10.62
C LEU A 178 3.19 -6.53 9.64
N VAL A 179 3.17 -7.83 9.36
CA VAL A 179 2.15 -8.43 8.50
C VAL A 179 1.37 -9.45 9.32
N TYR A 180 0.05 -9.32 9.34
CA TYR A 180 -0.83 -10.30 9.96
C TYR A 180 -1.48 -11.13 8.87
N LEU A 181 -1.55 -12.45 9.09
CA LEU A 181 -2.17 -13.37 8.16
C LEU A 181 -3.30 -14.09 8.85
N SER A 182 -4.46 -14.15 8.19
CA SER A 182 -5.60 -14.88 8.74
C SER A 182 -5.21 -16.30 9.16
N ALA A 183 -5.77 -16.74 10.28
CA ALA A 183 -5.59 -18.11 10.73
C ALA A 183 -6.15 -19.12 9.73
N ASP A 184 -7.06 -18.68 8.85
CA ASP A 184 -7.70 -19.58 7.90
C ASP A 184 -6.99 -19.65 6.55
N ALA A 185 -5.88 -18.94 6.38
CA ALA A 185 -5.10 -19.12 5.16
C ALA A 185 -4.60 -20.55 5.06
N LYS A 186 -4.53 -21.04 3.83
CA LYS A 186 -4.03 -22.38 3.57
C LYS A 186 -2.54 -22.46 3.89
N PRO A 187 -2.02 -23.68 4.10
CA PRO A 187 -0.58 -23.83 4.39
C PRO A 187 0.34 -23.12 3.41
N GLY A 188 0.00 -23.08 2.12
CA GLY A 188 0.88 -22.46 1.14
C GLY A 188 1.04 -20.96 1.30
N ALA A 189 0.08 -20.31 1.97
CA ALA A 189 0.14 -18.88 2.23
C ALA A 189 0.32 -18.06 0.96
N THR A 190 -0.31 -18.50 -0.14
CA THR A 190 -0.09 -17.79 -1.40
C THR A 190 -0.67 -16.38 -1.37
N GLY A 191 -1.67 -16.12 -0.51
CA GLY A 191 -2.27 -14.80 -0.41
C GLY A 191 -1.39 -13.76 0.22
N LEU A 192 -0.31 -14.21 0.85
CA LEU A 192 0.68 -13.38 1.48
C LEU A 192 1.77 -12.91 0.53
N GLU A 193 1.87 -13.50 -0.67
CA GLU A 193 3.09 -13.32 -1.47
C GLU A 193 3.23 -11.88 -1.98
N SER A 194 2.15 -11.27 -2.49
CA SER A 194 2.30 -9.93 -3.02
C SER A 194 2.68 -8.92 -1.94
N THR A 195 2.23 -9.14 -0.71
CA THR A 195 2.61 -8.25 0.39
C THR A 195 4.09 -8.37 0.71
N MET A 196 4.59 -9.61 0.83
CA MET A 196 6.01 -9.78 1.12
C MET A 196 6.86 -9.25 -0.03
N ARG A 197 6.40 -9.40 -1.28
CA ARG A 197 7.24 -8.94 -2.39
C ARG A 197 7.26 -7.42 -2.47
N PHE A 198 6.18 -6.76 -2.09
CA PHE A 198 6.21 -5.30 -2.02
C PHE A 198 7.15 -4.83 -0.92
N ILE A 199 6.99 -5.37 0.29
CA ILE A 199 7.84 -4.96 1.40
C ILE A 199 9.30 -5.26 1.09
N LEU A 200 9.57 -6.49 0.65
CA LEU A 200 10.94 -6.93 0.37
C LEU A 200 11.38 -6.47 -1.01
N SER A 201 11.43 -5.15 -1.17
CA SER A 201 11.85 -4.55 -2.43
C SER A 201 12.14 -3.08 -2.17
N ALA A 202 12.75 -2.42 -3.15
CA ALA A 202 12.96 -0.98 -3.03
C ALA A 202 11.67 -0.19 -3.21
N LYS A 203 10.60 -0.84 -3.68
CA LYS A 203 9.35 -0.13 -3.92
C LYS A 203 8.77 0.44 -2.63
N SER A 204 9.05 -0.20 -1.49
CA SER A 204 8.47 0.19 -0.22
C SER A 204 9.35 1.18 0.56
N ALA A 205 10.20 1.94 -0.14
CA ALA A 205 11.26 2.72 0.50
C ALA A 205 10.76 3.66 1.60
N TYR A 206 9.57 4.25 1.42
CA TYR A 206 9.07 5.23 2.38
C TYR A 206 7.90 4.69 3.21
N VAL A 207 7.69 3.38 3.20
CA VAL A 207 6.67 2.76 4.06
C VAL A 207 7.40 2.14 5.25
N ASP A 208 7.06 2.57 6.45
CA ASP A 208 7.87 2.19 7.61
C ASP A 208 6.98 2.14 8.83
N GLY A 209 7.13 1.08 9.64
CA GLY A 209 6.37 0.95 10.87
C GLY A 209 4.93 0.53 10.70
N GLN A 210 4.53 0.12 9.50
CA GLN A 210 3.12 -0.10 9.20
C GLN A 210 2.68 -1.53 9.49
N VAL A 211 1.36 -1.73 9.49
CA VAL A 211 0.74 -3.03 9.72
C VAL A 211 -0.08 -3.38 8.48
N PHE A 212 0.24 -4.52 7.88
CA PHE A 212 -0.46 -5.06 6.70
C PHE A 212 -1.35 -6.20 7.17
N ARG A 213 -2.59 -6.24 6.69
CA ARG A 213 -3.54 -7.26 7.16
C ARG A 213 -4.03 -8.08 5.97
N VAL A 214 -3.60 -9.34 5.93
CA VAL A 214 -3.88 -10.25 4.83
C VAL A 214 -4.94 -11.23 5.28
N GLY A 215 -5.94 -11.46 4.43
CA GLY A 215 -7.04 -12.35 4.74
C GLY A 215 -6.70 -13.79 4.44
N ALA A 216 -7.74 -14.60 4.24
CA ALA A 216 -7.58 -16.05 4.10
C ALA A 216 -7.46 -16.56 2.67
N ALA A 217 -7.70 -15.72 1.66
CA ALA A 217 -7.87 -16.24 0.31
C ALA A 217 -6.53 -16.62 -0.32
N ASP A 218 -6.56 -17.65 -1.16
CA ASP A 218 -5.41 -17.97 -2.01
C ASP A 218 -5.23 -16.89 -3.07
N SER A 219 -4.01 -16.79 -3.61
CA SER A 219 -3.70 -15.87 -4.69
C SER A 219 -3.03 -16.58 -5.87
N THR A 220 -3.18 -15.98 -7.05
CA THR A 220 -2.47 -16.34 -8.27
C THR A 220 -1.43 -15.28 -8.58
N PRO A 221 -0.18 -15.64 -8.85
CA PRO A 221 0.81 -14.61 -9.19
C PRO A 221 0.52 -14.03 -10.55
N PRO A 222 0.93 -12.78 -10.80
CA PRO A 222 0.92 -12.28 -12.17
C PRO A 222 1.89 -13.09 -13.00
N ALA A 223 1.73 -13.02 -14.32
CA ALA A 223 2.65 -13.75 -15.20
C ALA A 223 4.09 -13.31 -14.98
N ASP A 224 4.29 -12.05 -14.60
CA ASP A 224 5.61 -11.45 -14.43
C ASP A 224 5.52 -10.53 -13.22
N TRP A 225 6.21 -10.87 -12.13
CA TRP A 225 6.15 -10.00 -10.95
C TRP A 225 6.74 -8.62 -11.24
N ASP A 226 7.54 -8.48 -12.29
CA ASP A 226 8.07 -7.18 -12.67
C ASP A 226 7.17 -6.39 -13.59
N LYS A 227 6.11 -7.01 -14.11
CA LYS A 227 5.05 -6.29 -14.83
C LYS A 227 3.72 -6.76 -14.27
N PRO A 228 3.44 -6.47 -12.99
CA PRO A 228 2.30 -7.10 -12.33
C PRO A 228 0.96 -6.64 -12.83
N LEU A 229 0.88 -5.45 -13.42
CA LEU A 229 -0.37 -4.89 -13.91
C LEU A 229 -0.53 -5.07 -15.41
N ASP A 230 0.27 -5.94 -16.03
CA ASP A 230 0.16 -6.19 -17.47
C ASP A 230 -1.28 -6.52 -17.84
N GLY A 231 -1.80 -5.82 -18.85
CA GLY A 231 -3.14 -6.04 -19.35
C GLY A 231 -4.26 -5.37 -18.57
N LYS A 232 -3.96 -4.73 -17.44
CA LYS A 232 -5.02 -4.13 -16.62
C LYS A 232 -5.31 -2.71 -17.07
N VAL A 233 -6.59 -2.35 -17.04
CA VAL A 233 -7.04 -0.98 -17.34
C VAL A 233 -7.22 -0.26 -16.02
N ALA A 234 -6.50 0.86 -15.84
CA ALA A 234 -6.51 1.59 -14.59
C ALA A 234 -7.00 3.00 -14.82
N VAL A 235 -7.99 3.42 -14.05
CA VAL A 235 -8.46 4.81 -14.07
C VAL A 235 -7.83 5.54 -12.89
N VAL A 236 -7.18 6.66 -13.17
CA VAL A 236 -6.54 7.49 -12.14
C VAL A 236 -7.15 8.89 -12.23
N THR A 237 -7.90 9.30 -11.20
CA THR A 237 -8.44 10.66 -11.19
C THR A 237 -7.40 11.63 -10.66
N GLY A 238 -7.49 12.88 -11.11
CA GLY A 238 -6.49 13.88 -10.74
C GLY A 238 -5.11 13.61 -11.29
N ALA A 239 -5.03 13.11 -12.52
CA ALA A 239 -3.78 12.57 -13.05
C ALA A 239 -2.96 13.59 -13.83
N ALA A 240 -3.42 14.84 -13.94
CA ALA A 240 -2.68 15.80 -14.75
C ALA A 240 -1.41 16.29 -14.07
N ARG A 241 -1.31 16.17 -12.75
CA ARG A 241 -0.13 16.67 -12.05
C ARG A 241 0.03 15.92 -10.75
N GLY A 242 1.11 16.24 -10.03
CA GLY A 242 1.26 15.81 -8.65
C GLY A 242 1.34 14.31 -8.51
N ILE A 243 0.79 13.82 -7.39
CA ILE A 243 0.83 12.38 -7.11
C ILE A 243 0.10 11.59 -8.20
N GLY A 244 -1.02 12.13 -8.69
CA GLY A 244 -1.77 11.44 -9.73
C GLY A 244 -0.96 11.18 -11.00
N ALA A 245 -0.16 12.16 -11.43
CA ALA A 245 0.66 11.97 -12.62
C ALA A 245 1.69 10.86 -12.39
N THR A 246 2.22 10.78 -11.18
CA THR A 246 3.21 9.75 -10.88
C THR A 246 2.56 8.38 -10.72
N ILE A 247 1.34 8.32 -10.18
CA ILE A 247 0.59 7.05 -10.17
C ILE A 247 0.44 6.52 -11.59
N ALA A 248 0.09 7.40 -12.53
CA ALA A 248 -0.04 6.96 -13.92
C ALA A 248 1.26 6.37 -14.44
N GLU A 249 2.38 7.03 -14.16
CA GLU A 249 3.68 6.55 -14.63
CA GLU A 249 3.67 6.54 -14.63
C GLU A 249 4.03 5.20 -14.03
N VAL A 250 3.83 5.04 -12.72
CA VAL A 250 4.18 3.78 -12.08
C VAL A 250 3.28 2.66 -12.56
N PHE A 251 1.99 2.94 -12.71
CA PHE A 251 1.07 1.94 -13.25
C PHE A 251 1.50 1.49 -14.65
N ALA A 252 1.88 2.44 -15.50
CA ALA A 252 2.28 2.08 -16.86
C ALA A 252 3.61 1.34 -16.85
N ARG A 253 4.54 1.74 -15.96
CA ARG A 253 5.76 0.98 -15.78
C ARG A 253 5.45 -0.49 -15.49
N ASP A 254 4.44 -0.73 -14.68
CA ASP A 254 4.05 -2.08 -14.28
C ASP A 254 3.18 -2.78 -15.31
N GLY A 255 2.88 -2.13 -16.44
CA GLY A 255 2.21 -2.78 -17.55
C GLY A 255 0.77 -2.38 -17.76
N ALA A 256 0.22 -1.49 -16.93
CA ALA A 256 -1.18 -1.11 -17.01
C ALA A 256 -1.44 -0.15 -18.18
N THR A 257 -2.68 -0.19 -18.67
CA THR A 257 -3.19 0.81 -19.60
C THR A 257 -3.95 1.86 -18.78
N VAL A 258 -3.46 3.10 -18.78
CA VAL A 258 -3.96 4.11 -17.85
C VAL A 258 -4.93 5.04 -18.56
N VAL A 259 -6.11 5.22 -17.94
CA VAL A 259 -7.04 6.29 -18.27
C VAL A 259 -6.76 7.42 -17.28
N ALA A 260 -6.18 8.51 -17.76
CA ALA A 260 -5.85 9.65 -16.92
C ALA A 260 -6.99 10.65 -16.96
N ILE A 261 -7.52 11.01 -15.80
CA ILE A 261 -8.69 11.90 -15.69
C ILE A 261 -8.28 13.17 -14.98
N ASP A 262 -8.66 14.33 -15.55
CA ASP A 262 -8.54 15.60 -14.84
C ASP A 262 -9.50 16.59 -15.48
N VAL A 263 -9.57 17.79 -14.90
CA VAL A 263 -10.55 18.78 -15.32
C VAL A 263 -10.17 19.42 -16.66
N ASP A 264 -11.13 20.11 -17.28
CA ASP A 264 -10.91 20.73 -18.59
C ASP A 264 -9.72 21.68 -18.57
N GLY A 265 -9.56 22.43 -17.50
CA GLY A 265 -8.47 23.39 -17.40
C GLY A 265 -7.09 22.78 -17.44
N ALA A 266 -6.98 21.47 -17.23
CA ALA A 266 -5.72 20.76 -17.21
C ALA A 266 -5.54 19.87 -18.44
N ALA A 267 -6.34 20.13 -19.50
CA ALA A 267 -6.36 19.25 -20.66
C ALA A 267 -4.98 19.11 -21.30
N GLU A 268 -4.24 20.22 -21.38
CA GLU A 268 -2.93 20.17 -22.03
C GLU A 268 -1.97 19.26 -21.27
N ASP A 269 -1.82 19.51 -19.95
CA ASP A 269 -0.97 18.64 -19.15
C ASP A 269 -1.49 17.20 -19.13
N LEU A 270 -2.82 17.04 -19.12
CA LEU A 270 -3.39 15.70 -19.05
C LEU A 270 -3.02 14.87 -20.28
N LYS A 271 -3.07 15.49 -21.46
CA LYS A 271 -2.71 14.78 -22.68
C LYS A 271 -1.24 14.39 -22.66
N ARG A 272 -0.39 15.25 -22.10
CA ARG A 272 1.04 14.92 -22.04
C ARG A 272 1.28 13.71 -21.15
N VAL A 273 0.61 13.64 -20.00
CA VAL A 273 0.72 12.48 -19.13
C VAL A 273 0.22 11.24 -19.86
N ALA A 274 -0.95 11.33 -20.50
CA ALA A 274 -1.51 10.18 -21.18
C ALA A 274 -0.59 9.69 -22.29
N ASP A 275 -0.04 10.61 -23.08
CA ASP A 275 0.87 10.22 -24.16
C ASP A 275 2.13 9.58 -23.60
N LYS A 276 2.68 10.15 -22.52
CA LYS A 276 3.91 9.62 -21.94
C LYS A 276 3.74 8.18 -21.47
N VAL A 277 2.57 7.84 -20.91
CA VAL A 277 2.37 6.50 -20.34
C VAL A 277 1.71 5.54 -21.33
N GLY A 278 1.45 5.98 -22.56
CA GLY A 278 0.80 5.09 -23.51
C GLY A 278 -0.66 4.85 -23.23
N GLY A 279 -1.31 5.74 -22.51
CA GLY A 279 -2.71 5.57 -22.15
C GLY A 279 -3.58 6.59 -22.86
N THR A 280 -4.72 6.92 -22.26
CA THR A 280 -5.67 7.86 -22.84
C THR A 280 -6.04 8.94 -21.83
N ALA A 281 -6.43 10.10 -22.34
CA ALA A 281 -6.81 11.22 -21.49
C ALA A 281 -8.32 11.41 -21.56
N LEU A 282 -8.94 11.58 -20.40
CA LEU A 282 -10.37 11.80 -20.32
C LEU A 282 -10.58 13.04 -19.45
N THR A 283 -10.97 14.16 -20.08
CA THR A 283 -11.22 15.37 -19.32
C THR A 283 -12.62 15.31 -18.73
N LEU A 284 -12.71 15.43 -17.41
CA LEU A 284 -14.01 15.47 -16.78
CA LEU A 284 -13.99 15.29 -16.72
C LEU A 284 -13.85 15.90 -15.33
N ASP A 285 -14.93 16.50 -14.83
CA ASP A 285 -15.00 16.87 -13.42
C ASP A 285 -15.65 15.71 -12.68
N VAL A 286 -14.93 15.13 -11.71
CA VAL A 286 -15.45 13.93 -11.05
C VAL A 286 -16.74 14.18 -10.29
N THR A 287 -17.08 15.44 -10.01
CA THR A 287 -18.34 15.73 -9.34
C THR A 287 -19.53 15.82 -10.29
N ALA A 288 -19.28 15.75 -11.60
CA ALA A 288 -20.35 15.92 -12.57
C ALA A 288 -21.32 14.75 -12.52
N ASP A 289 -22.60 15.05 -12.78
CA ASP A 289 -23.64 14.03 -12.72
CA ASP A 289 -23.61 14.02 -12.70
C ASP A 289 -23.35 12.87 -13.66
N ASP A 290 -22.75 13.14 -14.82
CA ASP A 290 -22.51 12.10 -15.82
C ASP A 290 -21.10 11.53 -15.78
N ALA A 291 -20.40 11.69 -14.66
CA ALA A 291 -19.02 11.22 -14.58
C ALA A 291 -18.93 9.71 -14.82
N VAL A 292 -19.80 8.93 -14.16
CA VAL A 292 -19.76 7.48 -14.37
C VAL A 292 -20.09 7.14 -15.82
N ASP A 293 -21.10 7.80 -16.39
CA ASP A 293 -21.42 7.56 -17.80
C ASP A 293 -20.22 7.83 -18.70
N LYS A 294 -19.52 8.94 -18.46
CA LYS A 294 -18.43 9.34 -19.34
C LYS A 294 -17.24 8.37 -19.24
N ILE A 295 -16.94 7.91 -18.03
CA ILE A 295 -15.88 6.93 -17.86
C ILE A 295 -16.27 5.63 -18.53
N THR A 296 -17.52 5.21 -18.32
CA THR A 296 -18.00 3.96 -18.94
C THR A 296 -17.92 4.05 -20.47
N ALA A 297 -18.35 5.17 -21.04
CA ALA A 297 -18.27 5.33 -22.50
C ALA A 297 -16.82 5.32 -22.98
N HIS A 298 -15.93 5.95 -22.20
CA HIS A 298 -14.54 6.08 -22.61
C HIS A 298 -13.83 4.72 -22.65
N VAL A 299 -14.01 3.90 -21.60
CA VAL A 299 -13.34 2.61 -21.61
C VAL A 299 -14.03 1.64 -22.56
N THR A 300 -15.31 1.85 -22.86
CA THR A 300 -15.95 1.04 -23.88
C THR A 300 -15.39 1.38 -25.26
N GLU A 301 -15.08 2.65 -25.49
CA GLU A 301 -14.57 3.06 -26.80
C GLU A 301 -13.12 2.64 -27.01
N HIS A 302 -12.30 2.66 -25.94
CA HIS A 302 -10.86 2.51 -26.11
C HIS A 302 -10.28 1.26 -25.47
N HIS A 303 -10.91 0.73 -24.41
CA HIS A 303 -10.21 -0.23 -23.55
C HIS A 303 -11.06 -1.47 -23.28
N GLY A 304 -11.92 -1.85 -24.20
CA GLY A 304 -12.64 -3.10 -24.09
C GLY A 304 -13.76 -3.12 -23.08
N GLY A 305 -14.16 -1.96 -22.55
CA GLY A 305 -15.35 -1.88 -21.75
C GLY A 305 -15.18 -2.14 -20.26
N LYS A 306 -13.97 -2.30 -19.76
CA LYS A 306 -13.81 -2.64 -18.35
C LYS A 306 -12.78 -1.75 -17.69
N VAL A 307 -12.89 -1.65 -16.37
CA VAL A 307 -11.91 -0.99 -15.52
C VAL A 307 -11.46 -2.01 -14.49
N ASP A 308 -10.16 -2.31 -14.48
CA ASP A 308 -9.63 -3.22 -13.47
C ASP A 308 -9.24 -2.51 -12.18
N ILE A 309 -8.79 -1.25 -12.28
CA ILE A 309 -8.23 -0.53 -11.14
C ILE A 309 -8.80 0.87 -11.17
N LEU A 310 -9.34 1.32 -10.04
CA LEU A 310 -9.81 2.71 -9.89
C LEU A 310 -9.04 3.34 -8.75
N VAL A 311 -8.37 4.47 -9.03
CA VAL A 311 -7.65 5.21 -7.98
C VAL A 311 -8.33 6.55 -7.81
N ASN A 312 -8.99 6.73 -6.67
CA ASN A 312 -9.65 7.98 -6.32
C ASN A 312 -8.62 8.94 -5.73
N ASN A 313 -7.90 9.61 -6.63
CA ASN A 313 -6.81 10.50 -6.22
C ASN A 313 -7.17 11.97 -6.28
N ALA A 314 -8.09 12.38 -7.16
CA ALA A 314 -8.43 13.80 -7.25
C ALA A 314 -8.89 14.32 -5.89
N GLY A 315 -8.43 15.51 -5.53
CA GLY A 315 -8.80 16.09 -4.26
C GLY A 315 -8.46 17.57 -4.23
N ILE A 316 -9.12 18.29 -3.33
CA ILE A 316 -8.86 19.71 -3.13
C ILE A 316 -8.79 19.99 -1.63
N THR A 317 -8.20 21.13 -1.29
CA THR A 317 -8.32 21.69 0.05
C THR A 317 -8.94 23.08 -0.03
N ARG A 318 -9.63 23.45 1.05
CA ARG A 318 -10.12 24.82 1.28
C ARG A 318 -9.90 25.10 2.76
N ASP A 319 -8.66 25.35 3.15
CA ASP A 319 -8.31 25.42 4.56
C ASP A 319 -8.88 26.67 5.21
N LYS A 320 -9.41 26.50 6.42
CA LYS A 320 -10.03 27.57 7.19
C LYS A 320 -10.41 27.01 8.55
N LEU A 321 -10.14 27.78 9.60
CA LEU A 321 -10.67 27.41 10.91
C LEU A 321 -12.18 27.31 10.81
N LEU A 322 -12.74 26.30 11.49
CA LEU A 322 -14.18 26.06 11.37
C LEU A 322 -14.97 27.30 11.77
N ALA A 323 -14.54 27.99 12.82
CA ALA A 323 -15.21 29.21 13.26
C ALA A 323 -15.25 30.28 12.18
N ASN A 324 -14.35 30.20 11.19
CA ASN A 324 -14.23 31.21 10.15
C ASN A 324 -14.62 30.69 8.78
N MET A 325 -15.17 29.49 8.69
CA MET A 325 -15.39 28.86 7.40
C MET A 325 -16.77 29.15 6.88
N ASP A 326 -16.88 29.36 5.56
CA ASP A 326 -18.19 29.54 4.94
C ASP A 326 -18.64 28.26 4.24
N GLU A 327 -19.89 28.30 3.74
CA GLU A 327 -20.51 27.08 3.23
C GLU A 327 -19.79 26.56 1.98
N LYS A 328 -19.34 27.45 1.11
CA LYS A 328 -18.71 27.00 -0.13
C LYS A 328 -17.42 26.24 0.16
N ARG A 329 -16.65 26.67 1.17
CA ARG A 329 -15.43 25.94 1.51
C ARG A 329 -15.74 24.56 2.09
N TRP A 330 -16.84 24.42 2.82
CA TRP A 330 -17.21 23.08 3.30
C TRP A 330 -17.70 22.21 2.15
N ASP A 331 -18.68 22.71 1.39
CA ASP A 331 -19.37 21.90 0.39
C ASP A 331 -18.43 21.47 -0.74
N ALA A 332 -17.56 22.37 -1.20
CA ALA A 332 -16.67 22.02 -2.31
C ALA A 332 -15.78 20.84 -1.94
N VAL A 333 -15.29 20.84 -0.69
CA VAL A 333 -14.35 19.81 -0.24
C VAL A 333 -15.06 18.48 -0.08
N ILE A 334 -16.27 18.49 0.49
CA ILE A 334 -17.02 17.24 0.61
C ILE A 334 -17.38 16.69 -0.77
N ALA A 335 -17.73 17.57 -1.72
CA ALA A 335 -18.17 17.12 -3.04
C ALA A 335 -17.05 16.39 -3.79
N VAL A 336 -15.86 16.99 -3.84
CA VAL A 336 -14.76 16.41 -4.61
C VAL A 336 -14.12 15.24 -3.87
N ASN A 337 -13.89 15.38 -2.57
CA ASN A 337 -13.05 14.45 -1.84
C ASN A 337 -13.81 13.26 -1.26
N LEU A 338 -15.14 13.36 -1.10
CA LEU A 338 -15.87 12.27 -0.48
C LEU A 338 -17.04 11.81 -1.34
N LEU A 339 -17.93 12.72 -1.75
CA LEU A 339 -19.08 12.31 -2.56
C LEU A 339 -18.63 11.72 -3.89
N ALA A 340 -17.68 12.35 -4.55
CA ALA A 340 -17.27 11.85 -5.86
C ALA A 340 -16.62 10.48 -5.78
N PRO A 341 -15.67 10.20 -4.88
CA PRO A 341 -15.13 8.83 -4.81
C PRO A 341 -16.19 7.77 -4.50
N GLN A 342 -17.12 8.10 -3.61
CA GLN A 342 -18.22 7.18 -3.32
C GLN A 342 -19.04 6.91 -4.57
N ARG A 343 -19.36 7.98 -5.33
CA ARG A 343 -20.22 7.82 -6.50
C ARG A 343 -19.52 7.09 -7.63
N LEU A 344 -18.24 7.43 -7.89
CA LEU A 344 -17.51 6.72 -8.94
C LEU A 344 -17.36 5.24 -8.60
N THR A 345 -17.04 4.94 -7.34
CA THR A 345 -16.84 3.55 -6.92
C THR A 345 -18.14 2.76 -7.02
N GLU A 346 -19.20 3.26 -6.39
CA GLU A 346 -20.46 2.54 -6.45
C GLU A 346 -21.05 2.53 -7.86
N GLY A 347 -20.84 3.59 -8.65
CA GLY A 347 -21.42 3.62 -9.98
C GLY A 347 -20.74 2.66 -10.95
N LEU A 348 -19.41 2.59 -10.90
CA LEU A 348 -18.66 1.72 -11.81
C LEU A 348 -18.73 0.26 -11.39
N VAL A 349 -18.79 -0.03 -10.09
CA VAL A 349 -19.15 -1.38 -9.67
C VAL A 349 -20.59 -1.69 -10.04
N GLY A 350 -21.48 -0.71 -9.86
CA GLY A 350 -22.90 -0.96 -10.04
C GLY A 350 -23.30 -1.22 -11.48
N ASN A 351 -22.55 -0.68 -12.44
CA ASN A 351 -22.86 -1.00 -13.84
C ASN A 351 -21.90 -2.03 -14.41
N GLY A 352 -21.13 -2.71 -13.56
CA GLY A 352 -20.35 -3.85 -14.00
C GLY A 352 -19.05 -3.50 -14.69
N THR A 353 -18.71 -2.21 -14.79
CA THR A 353 -17.46 -1.82 -15.43
C THR A 353 -16.27 -2.30 -14.60
N ILE A 354 -16.39 -2.20 -13.29
CA ILE A 354 -15.45 -2.84 -12.37
C ILE A 354 -16.11 -4.14 -11.90
N GLY A 355 -15.46 -5.26 -12.20
CA GLY A 355 -15.98 -6.58 -11.91
C GLY A 355 -14.97 -7.43 -11.15
N GLU A 356 -15.10 -8.74 -11.34
CA GLU A 356 -14.23 -9.70 -10.67
C GLU A 356 -12.76 -9.35 -10.88
N GLY A 357 -11.98 -9.41 -9.80
CA GLY A 357 -10.59 -9.00 -9.83
C GLY A 357 -10.35 -7.51 -9.72
N GLY A 358 -11.40 -6.72 -9.51
CA GLY A 358 -11.25 -5.28 -9.47
C GLY A 358 -10.51 -4.80 -8.24
N ARG A 359 -9.95 -3.60 -8.34
CA ARG A 359 -9.16 -3.00 -7.27
C ARG A 359 -9.53 -1.54 -7.18
N VAL A 360 -9.94 -1.09 -5.99
CA VAL A 360 -10.23 0.32 -5.73
C VAL A 360 -9.28 0.81 -4.65
N ILE A 361 -8.61 1.93 -4.91
CA ILE A 361 -7.70 2.52 -3.93
C ILE A 361 -8.05 3.98 -3.78
N GLY A 362 -8.25 4.41 -2.54
CA GLY A 362 -8.54 5.79 -2.23
C GLY A 362 -7.35 6.49 -1.61
N LEU A 363 -7.21 7.77 -1.91
CA LEU A 363 -6.20 8.63 -1.29
C LEU A 363 -6.81 9.21 -0.02
N SER A 364 -6.38 8.68 1.13
CA SER A 364 -6.69 9.32 2.40
C SER A 364 -5.56 10.30 2.70
N SER A 365 -5.27 10.52 3.98
CA SER A 365 -4.24 11.47 4.38
C SER A 365 -4.00 11.31 5.86
N MET A 366 -2.77 11.61 6.30
CA MET A 366 -2.52 11.65 7.74
C MET A 366 -3.47 12.62 8.44
N ALA A 367 -3.93 13.66 7.75
CA ALA A 367 -4.89 14.58 8.34
C ALA A 367 -6.20 13.88 8.67
N GLY A 368 -6.56 12.85 7.90
CA GLY A 368 -7.75 12.06 8.20
C GLY A 368 -7.61 11.17 9.41
N ILE A 369 -6.37 10.89 9.81
CA ILE A 369 -6.09 9.99 10.94
C ILE A 369 -5.78 10.77 12.21
N ALA A 370 -4.98 11.83 12.10
CA ALA A 370 -4.54 12.59 13.26
C ALA A 370 -5.28 13.90 13.42
N GLY A 371 -5.99 14.35 12.39
CA GLY A 371 -6.58 15.67 12.37
C GLY A 371 -5.55 16.74 12.04
N ASN A 372 -6.04 17.90 11.61
CA ASN A 372 -5.14 19.00 11.31
C ASN A 372 -5.88 20.31 11.48
N ARG A 373 -5.25 21.26 12.16
CA ARG A 373 -5.82 22.59 12.34
C ARG A 373 -6.14 23.22 10.98
N GLY A 374 -7.34 23.80 10.87
CA GLY A 374 -7.78 24.42 9.64
C GLY A 374 -8.36 23.47 8.61
N GLN A 375 -8.50 22.18 8.93
CA GLN A 375 -8.93 21.20 7.95
C GLN A 375 -10.07 20.33 8.47
N THR A 376 -11.03 20.91 9.20
CA THR A 376 -12.19 20.11 9.57
C THR A 376 -12.92 19.59 8.33
N ASN A 377 -12.96 20.36 7.24
CA ASN A 377 -13.58 19.85 6.03
C ASN A 377 -12.71 18.76 5.39
N TYR A 378 -11.43 19.05 5.18
CA TYR A 378 -10.56 18.10 4.48
C TYR A 378 -10.40 16.80 5.26
N ALA A 379 -10.15 16.91 6.57
CA ALA A 379 -9.89 15.70 7.34
C ALA A 379 -11.14 14.85 7.47
N THR A 380 -12.32 15.47 7.52
CA THR A 380 -13.55 14.69 7.47
C THR A 380 -13.60 13.85 6.21
N THR A 381 -13.27 14.45 5.06
CA THR A 381 -13.32 13.68 3.81
C THR A 381 -12.25 12.58 3.77
N LYS A 382 -11.07 12.82 4.36
CA LYS A 382 -10.03 11.81 4.30
C LYS A 382 -10.27 10.67 5.30
N ALA A 383 -10.86 10.96 6.46
CA ALA A 383 -11.40 9.89 7.30
C ALA A 383 -12.56 9.17 6.61
N GLY A 384 -13.37 9.91 5.84
CA GLY A 384 -14.41 9.25 5.06
C GLY A 384 -13.86 8.30 4.00
N MET A 385 -12.68 8.62 3.45
CA MET A 385 -12.05 7.71 2.48
C MET A 385 -11.66 6.39 3.14
N ILE A 386 -11.19 6.45 4.38
CA ILE A 386 -10.97 5.23 5.16
C ILE A 386 -12.31 4.53 5.38
N GLY A 387 -13.35 5.29 5.72
CA GLY A 387 -14.67 4.71 5.92
C GLY A 387 -15.19 4.01 4.67
N LEU A 388 -14.90 4.57 3.49
CA LEU A 388 -15.32 3.92 2.25
CA LEU A 388 -15.29 3.92 2.24
C LEU A 388 -14.62 2.57 2.10
N ALA A 389 -13.33 2.50 2.38
CA ALA A 389 -12.64 1.21 2.30
C ALA A 389 -13.18 0.24 3.33
N GLU A 390 -13.44 0.70 4.55
CA GLU A 390 -13.85 -0.22 5.60
C GLU A 390 -15.29 -0.70 5.39
N ALA A 391 -16.16 0.19 4.89
CA ALA A 391 -17.57 -0.16 4.72
C ALA A 391 -17.81 -0.99 3.46
N LEU A 392 -17.11 -0.69 2.37
CA LEU A 392 -17.33 -1.43 1.14
C LEU A 392 -16.58 -2.74 1.08
N ALA A 393 -15.53 -2.92 1.88
CA ALA A 393 -14.74 -4.15 1.77
C ALA A 393 -15.59 -5.41 1.85
N PRO A 394 -16.48 -5.60 2.83
CA PRO A 394 -17.29 -6.82 2.84
C PRO A 394 -18.28 -6.89 1.70
N VAL A 395 -18.83 -5.76 1.28
CA VAL A 395 -19.80 -5.73 0.20
C VAL A 395 -19.15 -6.09 -1.13
N LEU A 396 -17.97 -5.54 -1.38
CA LEU A 396 -17.26 -5.78 -2.63
C LEU A 396 -16.59 -7.14 -2.66
N ALA A 397 -16.31 -7.74 -1.50
CA ALA A 397 -15.71 -9.07 -1.47
C ALA A 397 -16.61 -10.08 -2.17
N ASP A 398 -17.94 -9.92 -2.06
CA ASP A 398 -18.87 -10.79 -2.78
C ASP A 398 -18.70 -10.71 -4.29
N LYS A 399 -18.11 -9.63 -4.79
CA LYS A 399 -17.92 -9.44 -6.23
C LYS A 399 -16.48 -9.70 -6.69
N GLY A 400 -15.61 -10.14 -5.79
CA GLY A 400 -14.21 -10.32 -6.16
C GLY A 400 -13.44 -9.03 -6.31
N ILE A 401 -13.83 -7.99 -5.58
CA ILE A 401 -13.22 -6.66 -5.67
C ILE A 401 -12.66 -6.29 -4.31
N THR A 402 -11.43 -5.74 -4.30
CA THR A 402 -10.88 -5.21 -3.06
C THR A 402 -10.94 -3.68 -3.05
N ILE A 403 -10.90 -3.11 -1.85
CA ILE A 403 -10.85 -1.66 -1.72
C ILE A 403 -9.99 -1.32 -0.51
N ASN A 404 -9.05 -0.39 -0.70
CA ASN A 404 -8.06 -0.06 0.32
C ASN A 404 -7.81 1.44 0.27
N ALA A 405 -7.08 1.94 1.27
CA ALA A 405 -6.78 3.37 1.31
C ALA A 405 -5.32 3.57 1.64
N VAL A 406 -4.75 4.63 1.06
CA VAL A 406 -3.38 5.04 1.34
CA VAL A 406 -3.39 5.03 1.37
C VAL A 406 -3.44 6.40 2.02
N ALA A 407 -2.66 6.57 3.09
CA ALA A 407 -2.61 7.81 3.85
C ALA A 407 -1.21 8.39 3.82
N PRO A 408 -0.91 9.25 2.84
CA PRO A 408 0.41 9.90 2.80
C PRO A 408 0.60 10.87 3.95
N GLY A 409 1.84 10.91 4.44
CA GLY A 409 2.29 11.94 5.35
C GLY A 409 2.91 13.06 4.55
N PHE A 410 4.15 13.43 4.86
CA PHE A 410 4.81 14.55 4.21
C PHE A 410 5.41 14.11 2.88
N ILE A 411 4.81 14.57 1.78
CA ILE A 411 5.27 14.23 0.44
C ILE A 411 5.73 15.50 -0.26
N GLU A 412 7.01 15.53 -0.66
CA GLU A 412 7.54 16.65 -1.42
C GLU A 412 6.68 16.89 -2.66
N THR A 413 5.86 17.92 -2.63
CA THR A 413 4.92 18.20 -3.73
C THR A 413 5.12 19.60 -4.29
N ARG A 428 8.88 17.52 7.59
CA ARG A 428 9.77 16.82 6.67
C ARG A 428 10.68 15.84 7.39
N ARG A 429 11.19 16.25 8.56
CA ARG A 429 12.21 15.50 9.27
C ARG A 429 11.69 14.67 10.45
N LEU A 430 10.43 14.87 10.85
CA LEU A 430 9.90 14.23 12.06
C LEU A 430 9.38 12.82 11.75
N ASN A 431 10.29 11.99 11.25
CA ASN A 431 9.97 10.60 10.93
C ASN A 431 11.26 9.78 11.06
N SER A 432 11.10 8.45 11.03
CA SER A 432 12.26 7.59 11.27
C SER A 432 13.29 7.70 10.15
N LEU A 433 12.87 8.05 8.93
CA LEU A 433 13.81 8.17 7.82
C LEU A 433 14.41 9.57 7.73
N PHE A 434 13.94 10.52 8.53
CA PHE A 434 14.49 11.87 8.64
C PHE A 434 14.42 12.63 7.32
N GLN A 435 13.37 12.39 6.54
CA GLN A 435 13.26 13.03 5.23
C GLN A 435 11.82 12.92 4.75
N GLY A 436 11.47 13.76 3.77
CA GLY A 436 10.15 13.71 3.19
C GLY A 436 10.04 12.68 2.10
N GLY A 437 8.81 12.21 1.89
CA GLY A 437 8.55 11.22 0.86
C GLY A 437 8.45 11.83 -0.52
N GLN A 438 8.50 10.96 -1.52
CA GLN A 438 8.35 11.35 -2.92
C GLN A 438 7.04 10.82 -3.46
N PRO A 439 6.49 11.46 -4.50
CA PRO A 439 5.25 10.92 -5.07
C PRO A 439 5.37 9.48 -5.49
N VAL A 440 6.54 9.04 -6.00
CA VAL A 440 6.66 7.65 -6.42
C VAL A 440 6.44 6.68 -5.25
N ASP A 441 6.82 7.09 -4.04
CA ASP A 441 6.66 6.23 -2.87
C ASP A 441 5.19 5.96 -2.60
N VAL A 442 4.34 6.97 -2.79
CA VAL A 442 2.90 6.79 -2.64
C VAL A 442 2.38 5.90 -3.75
N ALA A 443 2.80 6.17 -4.99
CA ALA A 443 2.33 5.38 -6.13
C ALA A 443 2.69 3.90 -5.99
N GLU A 444 3.86 3.59 -5.40
CA GLU A 444 4.25 2.18 -5.24
C GLU A 444 3.31 1.46 -4.29
N LEU A 445 2.92 2.09 -3.19
CA LEU A 445 1.99 1.44 -2.28
C LEU A 445 0.65 1.22 -2.96
N ILE A 446 0.19 2.18 -3.76
CA ILE A 446 -1.06 2.01 -4.49
C ILE A 446 -0.96 0.85 -5.47
N ALA A 447 0.17 0.74 -6.17
CA ALA A 447 0.36 -0.34 -7.12
C ALA A 447 0.39 -1.71 -6.44
N TYR A 448 0.89 -1.76 -5.21
CA TYR A 448 0.83 -3.01 -4.45
C TYR A 448 -0.62 -3.44 -4.23
N PHE A 449 -1.47 -2.53 -3.72
CA PHE A 449 -2.89 -2.86 -3.59
C PHE A 449 -3.50 -3.26 -4.94
N ALA A 450 -3.07 -2.61 -6.02
CA ALA A 450 -3.67 -2.85 -7.34
C ALA A 450 -3.28 -4.20 -7.94
N SER A 451 -2.26 -4.86 -7.40
CA SER A 451 -1.77 -6.09 -8.01
C SER A 451 -2.90 -7.12 -8.11
N PRO A 452 -2.97 -7.89 -9.20
CA PRO A 452 -3.91 -9.01 -9.23
C PRO A 452 -3.63 -10.03 -8.16
N ALA A 453 -2.40 -10.08 -7.64
CA ALA A 453 -2.06 -11.02 -6.58
C ALA A 453 -2.39 -10.51 -5.19
N SER A 454 -2.91 -9.28 -5.06
CA SER A 454 -3.29 -8.74 -3.76
C SER A 454 -4.78 -8.91 -3.48
N ASN A 455 -5.38 -10.02 -3.96
CA ASN A 455 -6.81 -10.24 -3.75
C ASN A 455 -7.15 -10.50 -2.30
N ALA A 456 -6.18 -10.93 -1.48
CA ALA A 456 -6.44 -11.19 -0.06
C ALA A 456 -6.18 -9.98 0.82
N VAL A 457 -6.05 -8.79 0.22
CA VAL A 457 -5.75 -7.55 0.96
C VAL A 457 -6.91 -6.59 0.69
N THR A 458 -7.74 -6.37 1.70
CA THR A 458 -8.87 -5.47 1.51
C THR A 458 -9.16 -4.77 2.83
N GLY A 459 -9.76 -3.58 2.76
CA GLY A 459 -10.11 -2.88 3.98
C GLY A 459 -8.93 -2.28 4.74
N ASN A 460 -7.75 -2.29 4.16
CA ASN A 460 -6.53 -1.78 4.80
C ASN A 460 -6.40 -0.28 4.59
N THR A 461 -5.89 0.41 5.61
CA THR A 461 -5.36 1.76 5.47
C THR A 461 -3.88 1.71 5.85
N ILE A 462 -3.01 2.04 4.91
CA ILE A 462 -1.57 2.02 5.18
CA ILE A 462 -1.56 2.02 5.13
C ILE A 462 -1.03 3.42 4.94
N ARG A 463 -0.23 3.90 5.89
CA ARG A 463 0.35 5.23 5.83
C ARG A 463 1.68 5.15 5.09
N VAL A 464 1.99 6.18 4.32
CA VAL A 464 3.27 6.26 3.64
C VAL A 464 3.89 7.56 4.13
N CYS A 465 4.75 7.43 5.14
CA CYS A 465 5.13 8.55 5.98
C CYS A 465 6.54 8.42 6.56
N GLY A 466 7.28 7.37 6.20
CA GLY A 466 8.61 7.18 6.76
C GLY A 466 8.62 6.88 8.24
N GLN A 467 7.51 6.33 8.75
CA GLN A 467 7.23 6.21 10.18
C GLN A 467 7.26 7.60 10.85
N ALA A 468 6.27 8.41 10.45
CA ALA A 468 6.14 9.74 11.01
C ALA A 468 5.74 9.67 12.48
N MET A 469 6.22 10.66 13.25
CA MET A 469 5.85 10.75 14.65
C MET A 469 4.36 11.08 14.81
N LEU A 470 3.79 11.82 13.87
CA LEU A 470 2.39 12.26 13.99
C LEU A 470 1.43 11.09 13.76
N GLY A 471 0.33 11.09 14.51
CA GLY A 471 -0.69 10.08 14.32
C GLY A 471 -1.71 10.12 15.44
N ALA A 472 -2.54 9.09 15.47
CA ALA A 472 -3.55 8.92 16.50
C ALA A 472 -3.15 7.80 17.47
PA NAD B . -2.91 18.33 -6.55
O1A NAD B . -3.74 19.47 -6.09
O2A NAD B . -1.51 18.73 -6.96
O5B NAD B . -3.48 17.50 -7.78
C5B NAD B . -4.80 16.96 -7.69
C4B NAD B . -5.34 16.91 -9.09
O4B NAD B . -6.75 16.63 -9.01
C3B NAD B . -5.19 18.21 -9.90
O3B NAD B . -4.61 17.98 -11.19
C2B NAD B . -6.62 18.73 -10.00
O2B NAD B . -6.91 19.43 -11.21
C1B NAD B . -7.41 17.45 -9.95
N9A NAD B . -8.79 17.62 -9.53
C8A NAD B . -9.25 18.41 -8.50
N7A NAD B . -10.55 18.48 -8.43
C5A NAD B . -10.99 17.68 -9.47
C6A NAD B . -12.27 17.34 -9.94
N6A NAD B . -13.39 17.83 -9.41
N1A NAD B . -12.35 16.53 -11.01
C2A NAD B . -11.23 16.07 -11.57
N3A NAD B . -9.96 16.32 -11.21
C4A NAD B . -9.91 17.14 -10.15
O3 NAD B . -2.88 17.25 -5.39
PN NAD B . -1.79 16.24 -4.81
O1N NAD B . -0.99 16.95 -3.78
O2N NAD B . -1.09 15.56 -5.92
O5D NAD B . -2.68 15.20 -4.02
C5D NAD B . -3.21 14.02 -4.65
C4D NAD B . -4.14 13.38 -3.64
O4D NAD B . -3.36 12.97 -2.49
C3D NAD B . -5.26 14.27 -3.10
O3D NAD B . -6.42 13.50 -2.87
C2D NAD B . -4.67 14.80 -1.80
O2D NAD B . -5.68 15.20 -0.87
C1D NAD B . -3.91 13.56 -1.33
N1N NAD B . -2.77 13.84 -0.33
C2N NAD B . -1.78 14.66 -0.75
C3N NAD B . -0.70 14.91 0.07
C7N NAD B . 0.46 15.76 -0.38
O7N NAD B . 0.45 16.27 -1.52
N7N NAD B . 1.46 15.95 0.48
C4N NAD B . -0.67 14.33 1.33
C5N NAD B . -1.68 13.49 1.73
C6N NAD B . -2.74 13.25 0.87
CL CL C . 1.32 -22.06 13.74
CL CL D . -9.08 30.98 9.42
#